data_4XCQ
#
_entry.id   4XCQ
#
_cell.length_a   104.970
_cell.length_b   86.342
_cell.length_c   44.734
_cell.angle_alpha   90.000
_cell.angle_beta   92.490
_cell.angle_gamma   90.000
#
_symmetry.space_group_name_H-M   'C 1 2 1'
#
loop_
_entity.id
_entity.type
_entity.pdbx_description
1 polymer TubZ
2 non-polymer "GUANOSINE-5'-DIPHOSPHATE"
3 non-polymer 'SODIUM ION'
4 water water
#
_entity_poly.entity_id   1
_entity_poly.type   'polypeptide(L)'
_entity_poly.pdbx_seq_one_letter_code
;PHMKNKIVFAPIGQGGGNIVDTLLGICGDYNALFINTSKKDLDSLKHAKHTYHIPYAEGCGKERKKAVGYAQTYYKQIIA
QIMEKFSSCDIVIFVATMAGGTGSGITPPILGLAKQMYPNKHFGFVGVLPKATEDIDEHMNAIACWNDIMRSTNEGKDIS
IYLLDNNKREKESDINKEFATLFNDFMNMSESHAEGVVDEDEISKLLTMKKSNVILEFDDKEDIQVALAKSLKESIFAEY
TTNTCEFMGISTTRVVDVEAIKSIVGYPRRTFKGYNSKKNIVVATGIEPQKTTVQMMNEIIEDKMKQRREVTSKSENM
;
_entity_poly.pdbx_strand_id   A
#
loop_
_chem_comp.id
_chem_comp.type
_chem_comp.name
_chem_comp.formula
GDP RNA linking GUANOSINE-5'-DIPHOSPHATE 'C10 H15 N5 O11 P2'
NA non-polymer 'SODIUM ION' 'Na 1'
#
# COMPACT_ATOMS: atom_id res chain seq x y z
N HIS A 2 -12.78 4.02 -15.10
CA HIS A 2 -12.29 2.79 -15.73
C HIS A 2 -11.73 1.84 -14.68
N MET A 3 -10.45 1.48 -14.82
CA MET A 3 -9.77 0.68 -13.81
C MET A 3 -9.73 1.40 -12.47
N LYS A 4 -9.60 2.71 -12.52
CA LYS A 4 -9.50 3.52 -11.31
C LYS A 4 -10.82 3.58 -10.55
N ASN A 5 -11.93 3.57 -11.29
CA ASN A 5 -13.27 3.58 -10.70
C ASN A 5 -13.65 2.21 -10.15
N LYS A 6 -12.81 1.22 -10.43
CA LYS A 6 -12.99 -0.16 -9.98
C LYS A 6 -12.42 -0.28 -8.58
N ILE A 7 -11.59 0.71 -8.24
CA ILE A 7 -10.85 0.77 -6.99
C ILE A 7 -11.50 1.71 -5.99
N VAL A 8 -11.69 1.23 -4.77
CA VAL A 8 -12.08 2.11 -3.68
C VAL A 8 -11.04 2.01 -2.56
N PHE A 9 -10.46 3.15 -2.21
CA PHE A 9 -9.51 3.19 -1.10
C PHE A 9 -10.25 3.34 0.22
N ALA A 10 -9.74 2.67 1.24
CA ALA A 10 -10.20 2.89 2.61
C ALA A 10 -9.02 3.35 3.48
N PRO A 11 -8.66 4.64 3.36
CA PRO A 11 -7.64 5.19 4.27
C PRO A 11 -8.12 5.25 5.71
N ILE A 12 -7.31 4.71 6.62
CA ILE A 12 -7.63 4.73 8.04
C ILE A 12 -6.52 5.44 8.81
N GLY A 13 -6.87 6.53 9.49
CA GLY A 13 -5.89 7.31 10.24
C GLY A 13 -5.32 8.47 9.45
N GLN A 14 -4.56 9.33 10.14
CA GLN A 14 -4.05 10.56 9.54
C GLN A 14 -3.09 10.30 8.38
N GLY A 15 -2.12 9.43 8.60
CA GLY A 15 -1.13 9.13 7.57
C GLY A 15 -1.70 8.49 6.32
N GLY A 16 -2.57 7.51 6.52
CA GLY A 16 -3.23 6.86 5.40
C GLY A 16 -4.13 7.83 4.65
N GLY A 17 -4.77 8.71 5.40
CA GLY A 17 -5.60 9.76 4.81
C GLY A 17 -4.77 10.68 3.94
N ASN A 18 -3.56 11.03 4.40
CA ASN A 18 -2.67 11.90 3.64
C ASN A 18 -2.27 11.30 2.30
N ILE A 19 -1.97 10.00 2.31
CA ILE A 19 -1.53 9.32 1.11
C ILE A 19 -2.63 9.29 0.06
N VAL A 20 -3.83 8.88 0.46
CA VAL A 20 -4.96 8.82 -0.46
C VAL A 20 -5.36 10.22 -0.95
N ASP A 21 -5.26 11.21 -0.06
CA ASP A 21 -5.56 12.60 -0.40
C ASP A 21 -4.59 13.09 -1.47
N THR A 22 -3.30 12.82 -1.26
CA THR A 22 -2.26 13.14 -2.23
C THR A 22 -2.56 12.51 -3.58
N LEU A 23 -2.96 11.24 -3.55
CA LEU A 23 -3.27 10.51 -4.77
C LEU A 23 -4.47 11.13 -5.49
N LEU A 24 -5.49 11.50 -4.74
CA LEU A 24 -6.68 12.11 -5.34
C LEU A 24 -6.33 13.45 -5.96
N GLY A 25 -5.41 14.17 -5.31
CA GLY A 25 -4.90 15.42 -5.86
C GLY A 25 -4.27 15.23 -7.23
N ILE A 26 -3.52 14.14 -7.38
CA ILE A 26 -2.95 13.79 -8.67
C ILE A 26 -4.07 13.46 -9.65
N CYS A 27 -4.98 12.58 -9.24
CA CYS A 27 -6.04 12.10 -10.11
C CYS A 27 -7.30 11.72 -9.34
N GLY A 28 -8.42 12.36 -9.67
CA GLY A 28 -9.66 12.15 -8.94
C GLY A 28 -10.55 11.04 -9.46
N ASP A 29 -10.00 10.19 -10.33
CA ASP A 29 -10.79 9.11 -10.91
C ASP A 29 -10.99 7.95 -9.93
N TYR A 30 -10.33 8.03 -8.78
CA TYR A 30 -10.43 6.98 -7.78
C TYR A 30 -11.63 7.19 -6.85
N ASN A 31 -12.00 6.14 -6.14
CA ASN A 31 -12.99 6.25 -5.08
C ASN A 31 -12.32 6.11 -3.73
N ALA A 32 -12.85 6.78 -2.71
CA ALA A 32 -12.27 6.68 -1.38
C ALA A 32 -13.27 6.98 -0.28
N LEU A 33 -13.23 6.19 0.79
CA LEU A 33 -13.91 6.53 2.03
C LEU A 33 -12.85 6.76 3.09
N PHE A 34 -12.74 8.01 3.55
CA PHE A 34 -11.75 8.36 4.56
C PHE A 34 -12.27 8.06 5.98
N ILE A 35 -11.60 7.12 6.64
CA ILE A 35 -11.98 6.68 7.97
C ILE A 35 -10.99 7.21 8.99
N ASN A 36 -11.50 7.80 10.07
CA ASN A 36 -10.63 8.32 11.13
C ASN A 36 -11.38 8.59 12.44
N THR A 37 -10.68 8.40 13.55
CA THR A 37 -11.22 8.75 14.85
C THR A 37 -11.18 10.26 15.03
N SER A 38 -10.28 10.92 14.29
CA SER A 38 -10.10 12.36 14.39
C SER A 38 -10.92 13.09 13.34
N LYS A 39 -11.91 13.84 13.81
CA LYS A 39 -12.76 14.64 12.93
C LYS A 39 -11.96 15.78 12.33
N LYS A 40 -10.97 16.23 13.09
CA LYS A 40 -10.06 17.30 12.68
C LYS A 40 -9.29 16.92 11.41
N ASP A 41 -8.71 15.72 11.41
CA ASP A 41 -7.95 15.22 10.27
C ASP A 41 -8.84 15.10 9.04
N LEU A 42 -10.06 14.59 9.24
CA LEU A 42 -11.00 14.38 8.14
C LEU A 42 -11.46 15.71 7.52
N ASP A 43 -11.76 16.68 8.38
CA ASP A 43 -12.17 18.00 7.91
C ASP A 43 -11.02 18.73 7.21
N SER A 44 -9.79 18.33 7.50
CA SER A 44 -8.63 19.00 6.96
C SER A 44 -8.17 18.41 5.63
N LEU A 45 -8.82 17.33 5.20
CA LEU A 45 -8.52 16.70 3.92
C LEU A 45 -8.90 17.60 2.76
N LYS A 46 -8.14 17.53 1.68
CA LYS A 46 -8.37 18.41 0.53
C LYS A 46 -9.38 17.85 -0.46
N HIS A 47 -9.35 16.55 -0.68
CA HIS A 47 -10.12 15.97 -1.76
C HIS A 47 -11.04 14.83 -1.32
N ALA A 48 -11.50 14.89 -0.07
CA ALA A 48 -12.39 13.86 0.45
C ALA A 48 -13.85 14.23 0.24
N LYS A 49 -14.49 13.55 -0.71
CA LYS A 49 -15.92 13.72 -0.93
C LYS A 49 -16.70 12.87 0.06
N HIS A 50 -16.10 11.77 0.47
CA HIS A 50 -16.74 10.82 1.37
C HIS A 50 -15.85 10.53 2.56
N THR A 51 -16.39 10.70 3.76
CA THR A 51 -15.64 10.51 4.99
C THR A 51 -16.49 9.77 6.01
N TYR A 52 -15.82 9.09 6.94
CA TYR A 52 -16.52 8.47 8.06
C TYR A 52 -15.78 8.71 9.37
N HIS A 53 -16.32 9.61 10.18
CA HIS A 53 -15.80 9.83 11.52
C HIS A 53 -16.40 8.82 12.47
N ILE A 54 -15.54 8.07 13.14
CA ILE A 54 -15.99 7.16 14.17
C ILE A 54 -16.65 7.97 15.29
N PRO A 55 -17.94 7.70 15.54
CA PRO A 55 -18.76 8.48 16.49
C PRO A 55 -18.11 8.62 17.86
N TYR A 56 -18.24 9.83 18.43
CA TYR A 56 -17.76 10.15 19.78
C TYR A 56 -16.26 9.96 19.96
N ALA A 57 -15.52 9.95 18.86
CA ALA A 57 -14.09 9.69 18.91
C ALA A 57 -13.22 10.92 18.64
N GLU A 58 -11.98 10.85 19.11
CA GLU A 58 -10.96 11.84 18.77
C GLU A 58 -9.64 11.12 18.51
N GLY A 59 -8.60 11.89 18.21
CA GLY A 59 -7.28 11.36 17.93
C GLY A 59 -6.77 10.54 19.10
N CYS A 60 -6.08 9.45 18.80
CA CYS A 60 -5.71 8.49 19.84
C CYS A 60 -4.25 8.57 20.23
N GLY A 61 -3.53 9.54 19.67
CA GLY A 61 -2.13 9.79 20.03
C GLY A 61 -1.27 8.54 19.99
N LYS A 62 -1.39 7.80 18.90
CA LYS A 62 -0.64 6.56 18.66
C LYS A 62 -1.00 5.43 19.62
N GLU A 63 -2.14 5.54 20.29
CA GLU A 63 -2.61 4.48 21.18
C GLU A 63 -3.64 3.62 20.46
N ARG A 64 -3.20 2.45 19.98
CA ARG A 64 -4.03 1.67 19.09
C ARG A 64 -5.18 0.94 19.80
N LYS A 65 -5.04 0.76 21.12
CA LYS A 65 -6.08 0.07 21.87
C LYS A 65 -7.23 1.01 22.23
N LYS A 66 -7.00 2.31 22.17
CA LYS A 66 -8.09 3.26 22.38
C LYS A 66 -8.79 3.47 21.06
N ALA A 67 -8.03 3.36 19.97
CA ALA A 67 -8.59 3.37 18.63
C ALA A 67 -9.62 2.26 18.49
N VAL A 68 -9.22 1.05 18.87
CA VAL A 68 -10.13 -0.10 18.89
C VAL A 68 -11.30 0.17 19.83
N GLY A 69 -11.01 0.79 20.97
CA GLY A 69 -12.03 1.14 21.95
C GLY A 69 -13.18 1.91 21.34
N TYR A 70 -12.84 2.94 20.57
CA TYR A 70 -13.82 3.74 19.84
C TYR A 70 -14.48 2.98 18.69
N ALA A 71 -13.70 2.15 18.01
CA ALA A 71 -14.10 1.63 16.70
C ALA A 71 -14.84 0.30 16.74
N GLN A 72 -14.47 -0.56 17.68
CA GLN A 72 -14.89 -1.97 17.70
C GLN A 72 -16.39 -2.19 17.47
N THR A 73 -17.23 -1.28 17.96
CA THR A 73 -18.67 -1.43 17.82
C THR A 73 -19.16 -0.93 16.48
N TYR A 74 -18.31 -0.20 15.76
CA TYR A 74 -18.70 0.40 14.49
C TYR A 74 -18.07 -0.30 13.28
N TYR A 75 -17.34 -1.38 13.52
CA TYR A 75 -16.67 -2.14 12.47
C TYR A 75 -17.58 -2.49 11.29
N LYS A 76 -18.73 -3.07 11.61
CA LYS A 76 -19.65 -3.53 10.56
C LYS A 76 -20.22 -2.38 9.75
N GLN A 77 -20.64 -1.30 10.41
CA GLN A 77 -21.22 -0.17 9.69
C GLN A 77 -20.19 0.50 8.80
N ILE A 78 -18.94 0.56 9.27
CA ILE A 78 -17.84 1.08 8.48
C ILE A 78 -17.72 0.29 7.17
N ILE A 79 -17.74 -1.02 7.30
CA ILE A 79 -17.71 -1.91 6.15
C ILE A 79 -18.97 -1.74 5.30
N ALA A 80 -20.09 -1.51 5.98
CA ALA A 80 -21.36 -1.27 5.29
C ALA A 80 -21.26 -0.01 4.43
N GLN A 81 -20.67 1.03 4.99
CA GLN A 81 -20.45 2.28 4.27
C GLN A 81 -19.69 2.05 2.98
N ILE A 82 -18.54 1.41 3.08
CA ILE A 82 -17.70 1.12 1.92
C ILE A 82 -18.41 0.31 0.85
N MET A 83 -18.93 -0.85 1.25
CA MET A 83 -19.45 -1.83 0.30
C MET A 83 -20.75 -1.41 -0.37
N GLU A 84 -21.55 -0.58 0.28
CA GLU A 84 -22.85 -0.22 -0.28
C GLU A 84 -22.85 1.15 -0.97
N LYS A 85 -21.94 2.03 -0.57
CA LYS A 85 -21.77 3.30 -1.26
C LYS A 85 -20.98 3.10 -2.57
N PHE A 86 -20.03 2.17 -2.53
CA PHE A 86 -19.22 1.85 -3.69
C PHE A 86 -19.43 0.40 -4.11
N SER A 87 -20.69 0.05 -4.39
CA SER A 87 -21.07 -1.33 -4.64
C SER A 87 -20.48 -1.88 -5.94
N SER A 88 -20.21 -0.98 -6.88
CA SER A 88 -19.60 -1.38 -8.14
C SER A 88 -18.07 -1.19 -8.10
N CYS A 89 -17.46 -1.56 -6.99
CA CYS A 89 -16.01 -1.56 -6.86
C CYS A 89 -15.50 -2.94 -6.47
N ASP A 90 -14.79 -3.57 -7.42
CA ASP A 90 -14.21 -4.90 -7.24
C ASP A 90 -13.11 -4.92 -6.21
N ILE A 91 -12.35 -3.84 -6.17
CA ILE A 91 -11.09 -3.82 -5.43
C ILE A 91 -11.12 -2.80 -4.30
N VAL A 92 -10.97 -3.30 -3.07
CA VAL A 92 -10.93 -2.45 -1.90
C VAL A 92 -9.50 -2.40 -1.35
N ILE A 93 -8.87 -1.25 -1.44
CA ILE A 93 -7.51 -1.09 -0.93
C ILE A 93 -7.51 -0.28 0.37
N PHE A 94 -7.04 -0.91 1.43
CA PHE A 94 -6.88 -0.22 2.71
C PHE A 94 -5.52 0.46 2.78
N VAL A 95 -5.50 1.71 3.26
CA VAL A 95 -4.25 2.44 3.39
C VAL A 95 -4.06 2.94 4.81
N ALA A 96 -2.96 2.52 5.43
CA ALA A 96 -2.72 2.90 6.81
C ALA A 96 -1.24 2.92 7.16
N THR A 97 -0.84 3.90 7.96
CA THR A 97 0.46 3.88 8.60
C THR A 97 0.42 2.86 9.73
N MET A 98 1.56 2.29 10.06
CA MET A 98 1.56 1.14 10.95
C MET A 98 2.04 1.50 12.37
N ALA A 99 2.70 2.64 12.50
CA ALA A 99 3.17 3.09 13.80
C ALA A 99 2.13 3.95 14.54
N GLY A 100 1.05 4.29 13.86
CA GLY A 100 0.02 5.12 14.45
C GLY A 100 -0.92 4.37 15.39
N GLY A 101 -2.02 5.02 15.76
CA GLY A 101 -2.99 4.42 16.67
C GLY A 101 -4.22 3.88 15.97
N THR A 102 -4.84 4.70 15.13
CA THR A 102 -6.07 4.29 14.47
C THR A 102 -5.80 3.55 13.17
N GLY A 103 -4.75 3.95 12.46
CA GLY A 103 -4.33 3.23 11.28
C GLY A 103 -3.86 1.83 11.65
N SER A 104 -3.02 1.76 12.67
CA SER A 104 -2.41 0.50 13.08
C SER A 104 -3.37 -0.49 13.74
N GLY A 105 -4.24 0.02 14.61
CA GLY A 105 -5.10 -0.83 15.41
C GLY A 105 -6.42 -1.22 14.78
N ILE A 106 -6.94 -0.37 13.89
CA ILE A 106 -8.30 -0.57 13.39
C ILE A 106 -8.33 -1.23 12.01
N THR A 107 -7.25 -1.06 11.24
CA THR A 107 -7.21 -1.60 9.89
C THR A 107 -7.27 -3.13 9.86
N PRO A 108 -6.42 -3.84 10.64
CA PRO A 108 -6.51 -5.31 10.53
C PRO A 108 -7.86 -5.93 10.92
N PRO A 109 -8.52 -5.48 12.00
CA PRO A 109 -9.85 -6.06 12.23
C PRO A 109 -10.85 -5.73 11.11
N ILE A 110 -10.83 -4.48 10.64
CA ILE A 110 -11.77 -4.06 9.61
C ILE A 110 -11.52 -4.79 8.30
N LEU A 111 -10.25 -4.89 7.90
CA LEU A 111 -9.87 -5.65 6.72
C LEU A 111 -10.29 -7.12 6.84
N GLY A 112 -9.86 -7.77 7.92
CA GLY A 112 -10.16 -9.16 8.15
C GLY A 112 -11.65 -9.47 8.14
N LEU A 113 -12.42 -8.56 8.71
CA LEU A 113 -13.88 -8.70 8.76
C LEU A 113 -14.49 -8.51 7.38
N ALA A 114 -13.97 -7.54 6.63
CA ALA A 114 -14.46 -7.23 5.29
C ALA A 114 -14.25 -8.42 4.34
N LYS A 115 -13.11 -9.09 4.50
CA LYS A 115 -12.79 -10.30 3.75
C LYS A 115 -13.86 -11.37 3.91
N GLN A 116 -14.32 -11.55 5.14
CA GLN A 116 -15.26 -12.63 5.44
C GLN A 116 -16.67 -12.27 5.00
N MET A 117 -17.05 -11.00 5.14
CA MET A 117 -18.38 -10.57 4.78
C MET A 117 -18.57 -10.48 3.26
N TYR A 118 -17.51 -10.09 2.56
CA TYR A 118 -17.55 -9.96 1.10
C TYR A 118 -16.35 -10.69 0.49
N PRO A 119 -16.47 -12.02 0.40
CA PRO A 119 -15.39 -12.93 -0.02
C PRO A 119 -14.95 -12.75 -1.47
N ASN A 120 -15.86 -12.33 -2.33
CA ASN A 120 -15.56 -12.29 -3.77
C ASN A 120 -15.06 -10.93 -4.27
N LYS A 121 -14.81 -10.00 -3.34
CA LYS A 121 -14.08 -8.79 -3.70
C LYS A 121 -12.60 -8.99 -3.43
N HIS A 122 -11.76 -8.22 -4.11
CA HIS A 122 -10.32 -8.29 -3.83
CA HIS A 122 -10.32 -8.26 -3.87
C HIS A 122 -9.90 -7.22 -2.85
N PHE A 123 -9.01 -7.59 -1.93
CA PHE A 123 -8.56 -6.66 -0.90
C PHE A 123 -7.08 -6.38 -0.96
N GLY A 124 -6.73 -5.10 -0.88
CA GLY A 124 -5.35 -4.69 -0.83
C GLY A 124 -5.00 -4.00 0.48
N PHE A 125 -3.74 -4.07 0.87
CA PHE A 125 -3.27 -3.32 2.02
C PHE A 125 -2.03 -2.51 1.67
N VAL A 126 -2.13 -1.19 1.81
CA VAL A 126 -0.98 -0.32 1.70
C VAL A 126 -0.56 0.11 3.11
N GLY A 127 0.60 -0.37 3.55
CA GLY A 127 1.09 -0.08 4.87
C GLY A 127 2.40 0.70 4.87
N VAL A 128 2.62 1.48 5.92
CA VAL A 128 3.82 2.30 6.00
C VAL A 128 4.63 1.97 7.24
N LEU A 129 5.83 1.47 7.03
CA LEU A 129 6.75 1.18 8.13
C LEU A 129 7.36 2.49 8.65
N PRO A 130 7.44 2.62 9.99
CA PRO A 130 8.03 3.81 10.63
C PRO A 130 9.51 3.94 10.35
N LYS A 131 10.07 5.13 10.56
CA LYS A 131 11.51 5.32 10.51
C LYS A 131 12.15 4.53 11.65
N ALA A 132 13.41 4.15 11.49
CA ALA A 132 14.09 3.35 12.52
C ALA A 132 14.34 4.16 13.79
N THR A 133 14.34 5.48 13.67
CA THR A 133 14.61 6.36 14.81
C THR A 133 13.38 6.58 15.69
N GLU A 134 12.22 6.12 15.25
CA GLU A 134 11.01 6.21 16.06
C GLU A 134 11.13 5.25 17.24
N ASP A 135 10.29 5.43 18.26
CA ASP A 135 10.51 4.73 19.53
C ASP A 135 9.85 3.37 19.63
N ILE A 136 9.99 2.77 20.80
CA ILE A 136 9.51 1.41 21.06
C ILE A 136 8.03 1.23 20.73
N ASP A 137 7.18 2.09 21.30
CA ASP A 137 5.74 2.01 21.06
C ASP A 137 5.38 2.06 19.58
N GLU A 138 5.98 3.00 18.86
CA GLU A 138 5.75 3.16 17.43
C GLU A 138 6.12 1.89 16.67
N HIS A 139 7.24 1.28 17.04
CA HIS A 139 7.66 0.04 16.42
C HIS A 139 6.79 -1.13 16.88
N MET A 140 6.50 -1.20 18.18
CA MET A 140 5.60 -2.23 18.71
C MET A 140 4.23 -2.16 18.03
N ASN A 141 3.79 -0.97 17.69
CA ASN A 141 2.51 -0.79 17.00
C ASN A 141 2.56 -1.36 15.57
N ALA A 142 3.68 -1.15 14.89
CA ALA A 142 3.84 -1.60 13.51
C ALA A 142 3.98 -3.11 13.42
N ILE A 143 4.72 -3.69 14.37
CA ILE A 143 4.81 -5.13 14.52
C ILE A 143 3.42 -5.74 14.76
N ALA A 144 2.67 -5.15 15.67
CA ALA A 144 1.33 -5.63 16.00
C ALA A 144 0.40 -5.51 14.80
N CYS A 145 0.55 -4.43 14.03
CA CYS A 145 -0.27 -4.23 12.85
C CYS A 145 0.02 -5.29 11.80
N TRP A 146 1.29 -5.45 11.46
CA TRP A 146 1.73 -6.46 10.51
C TRP A 146 1.26 -7.87 10.91
N ASN A 147 1.52 -8.26 12.15
CA ASN A 147 1.15 -9.58 12.64
C ASN A 147 -0.35 -9.83 12.62
N ASP A 148 -1.13 -8.78 12.86
CA ASP A 148 -2.58 -8.91 12.85
C ASP A 148 -3.06 -9.16 11.42
N ILE A 149 -2.44 -8.48 10.45
CA ILE A 149 -2.81 -8.67 9.05
C ILE A 149 -2.32 -10.03 8.53
N MET A 150 -1.11 -10.45 8.93
CA MET A 150 -0.60 -11.76 8.55
C MET A 150 -1.54 -12.86 9.04
N ARG A 151 -1.99 -12.72 10.27
CA ARG A 151 -2.82 -13.73 10.90
C ARG A 151 -4.24 -13.71 10.33
N SER A 152 -4.63 -12.59 9.75
CA SER A 152 -5.97 -12.46 9.16
C SER A 152 -6.03 -12.77 7.66
N THR A 153 -4.86 -12.91 7.02
CA THR A 153 -4.82 -13.04 5.57
C THR A 153 -3.99 -14.23 5.07
N ASN A 154 -3.77 -15.22 5.93
CA ASN A 154 -2.92 -16.36 5.60
C ASN A 154 -1.53 -15.89 5.17
N GLU A 155 -0.92 -15.09 6.04
CA GLU A 155 0.45 -14.59 5.86
C GLU A 155 0.62 -13.79 4.57
N GLY A 156 -0.40 -13.01 4.21
CA GLY A 156 -0.34 -12.16 3.04
C GLY A 156 -0.84 -12.83 1.76
N LYS A 157 -1.15 -14.12 1.84
CA LYS A 157 -1.57 -14.87 0.65
C LYS A 157 -2.98 -14.49 0.16
N ASP A 158 -3.80 -13.93 1.04
CA ASP A 158 -5.18 -13.60 0.71
C ASP A 158 -5.36 -12.21 0.12
N ILE A 159 -4.34 -11.36 0.27
CA ILE A 159 -4.49 -9.96 -0.11
C ILE A 159 -3.30 -9.43 -0.90
N SER A 160 -3.49 -8.29 -1.54
CA SER A 160 -2.39 -7.56 -2.16
C SER A 160 -1.71 -6.65 -1.14
N ILE A 161 -0.39 -6.68 -1.08
CA ILE A 161 0.35 -5.89 -0.10
C ILE A 161 1.31 -4.90 -0.75
N TYR A 162 1.08 -3.63 -0.49
CA TYR A 162 2.00 -2.56 -0.89
C TYR A 162 2.72 -2.05 0.36
N LEU A 163 3.96 -2.49 0.55
CA LEU A 163 4.67 -2.21 1.79
C LEU A 163 5.69 -1.08 1.63
N LEU A 164 5.42 0.03 2.31
CA LEU A 164 6.24 1.23 2.19
C LEU A 164 7.13 1.45 3.40
N ASP A 165 8.29 2.07 3.17
CA ASP A 165 9.29 2.27 4.22
C ASP A 165 9.70 3.74 4.37
N ASN A 166 9.28 4.35 5.47
CA ASN A 166 9.60 5.74 5.76
C ASN A 166 11.09 5.98 5.98
N ASN A 167 11.86 4.90 6.11
CA ASN A 167 13.32 5.02 6.18
C ASN A 167 13.93 5.36 4.84
N LYS A 168 13.20 5.10 3.75
CA LYS A 168 13.75 5.30 2.41
C LYS A 168 13.72 6.76 1.99
N ARG A 169 12.94 7.57 2.69
CA ARG A 169 12.92 9.01 2.44
C ARG A 169 13.04 9.85 3.70
N GLU A 170 13.51 11.07 3.50
CA GLU A 170 13.71 12.02 4.58
C GLU A 170 12.38 12.59 5.06
N LYS A 171 11.56 13.06 4.13
CA LYS A 171 10.23 13.57 4.44
C LYS A 171 9.16 12.52 4.15
N GLU A 172 8.23 12.36 5.07
CA GLU A 172 7.11 11.45 4.89
C GLU A 172 6.24 11.89 3.71
N SER A 173 6.23 13.20 3.45
CA SER A 173 5.48 13.75 2.34
C SER A 173 6.00 13.22 1.01
N ASP A 174 7.32 13.07 0.89
CA ASP A 174 7.94 12.54 -0.32
C ASP A 174 7.48 11.10 -0.58
N ILE A 175 7.37 10.32 0.48
CA ILE A 175 6.83 8.97 0.39
C ILE A 175 5.41 9.03 -0.17
N ASN A 176 4.62 9.96 0.35
CA ASN A 176 3.26 10.17 -0.11
C ASN A 176 3.18 10.52 -1.60
N LYS A 177 3.96 11.51 -2.01
CA LYS A 177 3.97 11.97 -3.39
C LYS A 177 4.45 10.87 -4.34
N GLU A 178 5.51 10.19 -3.95
CA GLU A 178 6.14 9.21 -4.83
C GLU A 178 5.25 7.99 -5.02
N PHE A 179 4.67 7.47 -3.94
CA PHE A 179 3.75 6.35 -4.07
C PHE A 179 2.52 6.73 -4.88
N ALA A 180 1.99 7.91 -4.62
CA ALA A 180 0.81 8.38 -5.34
C ALA A 180 1.13 8.46 -6.84
N THR A 181 2.35 8.87 -7.16
CA THR A 181 2.81 8.97 -8.53
C THR A 181 3.02 7.59 -9.16
N LEU A 182 3.66 6.71 -8.40
CA LEU A 182 3.93 5.35 -8.85
C LEU A 182 2.63 4.58 -9.10
N PHE A 183 1.67 4.69 -8.19
CA PHE A 183 0.45 3.93 -8.33
C PHE A 183 -0.36 4.42 -9.53
N ASN A 184 -0.42 5.74 -9.70
CA ASN A 184 -1.19 6.32 -10.79
C ASN A 184 -0.54 6.04 -12.15
N ASP A 185 0.79 6.04 -12.19
CA ASP A 185 1.54 5.69 -13.40
C ASP A 185 1.27 4.23 -13.74
N PHE A 186 1.29 3.39 -12.71
CA PHE A 186 0.91 1.99 -12.83
C PHE A 186 -0.47 1.90 -13.49
N MET A 187 -1.45 2.63 -12.95
CA MET A 187 -2.81 2.59 -13.45
C MET A 187 -2.95 3.21 -14.84
N ASN A 188 -1.98 4.01 -15.24
CA ASN A 188 -2.01 4.66 -16.56
C ASN A 188 -1.21 3.91 -17.62
N MET A 189 -0.81 2.67 -17.33
CA MET A 189 -0.02 1.90 -18.28
C MET A 189 -0.83 1.48 -19.50
N SER A 190 -2.15 1.62 -19.42
CA SER A 190 -3.03 1.19 -20.51
C SER A 190 -3.21 2.28 -21.58
N GLU A 191 -2.59 3.44 -21.39
CA GLU A 191 -2.70 4.52 -22.36
C GLU A 191 -1.82 4.25 -23.58
N GLY A 196 1.31 -1.89 -29.09
CA GLY A 196 1.80 -2.66 -27.96
C GLY A 196 1.64 -1.93 -26.64
N VAL A 197 0.57 -2.23 -25.92
CA VAL A 197 0.28 -1.59 -24.64
C VAL A 197 -0.21 -2.58 -23.61
N VAL A 198 0.25 -2.43 -22.37
CA VAL A 198 -0.26 -3.22 -21.24
C VAL A 198 -1.73 -2.92 -20.99
N ASP A 199 -2.60 -3.84 -21.38
CA ASP A 199 -4.04 -3.63 -21.33
C ASP A 199 -4.60 -3.55 -19.91
N GLU A 200 -5.89 -3.25 -19.82
CA GLU A 200 -6.58 -3.10 -18.55
C GLU A 200 -6.71 -4.40 -17.77
N ASP A 201 -7.04 -5.48 -18.47
CA ASP A 201 -7.15 -6.79 -17.83
C ASP A 201 -5.78 -7.22 -17.29
N GLU A 202 -4.71 -6.85 -18.01
CA GLU A 202 -3.36 -7.14 -17.56
C GLU A 202 -3.01 -6.32 -16.32
N ILE A 203 -3.41 -5.05 -16.32
CA ILE A 203 -3.25 -4.18 -15.16
C ILE A 203 -4.07 -4.74 -14.00
N SER A 204 -5.26 -5.23 -14.31
CA SER A 204 -6.14 -5.85 -13.33
C SER A 204 -5.46 -7.05 -12.67
N LYS A 205 -4.93 -7.95 -13.50
CA LYS A 205 -4.18 -9.11 -13.03
C LYS A 205 -3.03 -8.73 -12.08
N LEU A 206 -2.32 -7.67 -12.43
CA LEU A 206 -1.20 -7.20 -11.63
C LEU A 206 -1.68 -6.66 -10.29
N LEU A 207 -2.72 -5.84 -10.34
CA LEU A 207 -3.23 -5.14 -9.19
C LEU A 207 -3.82 -6.10 -8.16
N THR A 208 -4.51 -7.12 -8.64
CA THR A 208 -5.22 -8.05 -7.77
C THR A 208 -4.41 -9.29 -7.42
N MET A 209 -3.16 -9.34 -7.88
CA MET A 209 -2.27 -10.44 -7.54
C MET A 209 -2.00 -10.44 -6.04
N LYS A 210 -2.00 -11.63 -5.44
CA LYS A 210 -1.84 -11.77 -4.01
C LYS A 210 -0.39 -11.54 -3.57
N LYS A 211 -0.20 -11.45 -2.26
CA LYS A 211 1.11 -11.19 -1.62
C LYS A 211 1.63 -9.77 -1.90
N SER A 212 2.95 -9.62 -1.90
CA SER A 212 3.57 -8.30 -1.89
C SER A 212 3.90 -7.77 -3.28
N ASN A 213 3.44 -6.55 -3.58
CA ASN A 213 3.71 -5.90 -4.85
C ASN A 213 4.65 -4.70 -4.71
N VAL A 214 5.44 -4.45 -5.76
CA VAL A 214 6.40 -3.35 -5.79
C VAL A 214 6.32 -2.62 -7.14
N ILE A 215 6.34 -1.29 -7.12
CA ILE A 215 6.32 -0.52 -8.35
C ILE A 215 7.63 0.26 -8.53
N LEU A 216 8.24 0.13 -9.70
CA LEU A 216 9.54 0.72 -9.95
C LEU A 216 9.55 1.55 -11.23
N GLU A 217 10.27 2.66 -11.21
CA GLU A 217 10.51 3.45 -12.41
C GLU A 217 11.99 3.73 -12.56
N PHE A 218 12.48 3.70 -13.78
CA PHE A 218 13.91 3.91 -14.03
C PHE A 218 14.15 4.85 -15.22
N ASP A 219 15.31 5.51 -15.22
CA ASP A 219 15.64 6.46 -16.28
C ASP A 219 16.27 5.73 -17.46
N ASP A 220 16.35 6.40 -18.60
CA ASP A 220 16.92 5.79 -19.80
C ASP A 220 18.27 6.40 -20.16
N LYS A 221 18.92 7.02 -19.17
CA LYS A 221 20.28 7.51 -19.35
C LYS A 221 21.26 6.35 -19.23
N GLU A 222 21.39 5.83 -18.01
CA GLU A 222 22.34 4.76 -17.72
C GLU A 222 21.93 3.42 -18.36
N ASP A 223 22.80 2.43 -18.23
CA ASP A 223 22.49 1.06 -18.62
C ASP A 223 21.28 0.58 -17.83
N ILE A 224 20.44 -0.23 -18.48
CA ILE A 224 19.17 -0.63 -17.87
C ILE A 224 19.37 -1.46 -16.60
N GLN A 225 20.42 -2.29 -16.56
CA GLN A 225 20.74 -3.05 -15.36
C GLN A 225 21.17 -2.12 -14.23
N VAL A 226 21.95 -1.10 -14.59
CA VAL A 226 22.36 -0.08 -13.64
C VAL A 226 21.18 0.80 -13.24
N ALA A 227 20.37 1.20 -14.22
CA ALA A 227 19.24 2.08 -14.01
C ALA A 227 18.17 1.48 -13.10
N LEU A 228 17.95 0.18 -13.22
CA LEU A 228 16.99 -0.51 -12.37
C LEU A 228 17.56 -0.76 -10.97
N ALA A 229 18.86 -0.97 -10.91
CA ALA A 229 19.55 -1.13 -9.64
C ALA A 229 19.42 0.12 -8.76
N LYS A 230 19.54 1.29 -9.39
CA LYS A 230 19.40 2.55 -8.68
C LYS A 230 17.97 2.73 -8.19
N SER A 231 17.01 2.26 -8.98
CA SER A 231 15.60 2.32 -8.61
C SER A 231 15.29 1.43 -7.42
N LEU A 232 15.85 0.22 -7.43
CA LEU A 232 15.66 -0.72 -6.34
C LEU A 232 16.24 -0.19 -5.04
N LYS A 233 17.45 0.35 -5.13
CA LYS A 233 18.13 0.90 -3.96
C LYS A 233 17.34 2.07 -3.38
N GLU A 234 16.77 2.89 -4.25
CA GLU A 234 16.08 4.10 -3.83
C GLU A 234 14.58 3.90 -3.65
N SER A 235 14.12 2.66 -3.84
CA SER A 235 12.68 2.38 -3.81
C SER A 235 12.04 2.73 -2.46
N ILE A 236 10.88 3.40 -2.52
CA ILE A 236 10.14 3.70 -1.31
C ILE A 236 9.57 2.42 -0.69
N PHE A 237 9.48 1.35 -1.48
CA PHE A 237 8.91 0.09 -0.99
C PHE A 237 9.90 -0.60 -0.07
N ALA A 238 9.37 -1.38 0.88
CA ALA A 238 10.23 -2.14 1.78
C ALA A 238 11.01 -3.20 1.01
N GLU A 239 12.29 -3.34 1.35
CA GLU A 239 13.18 -4.23 0.63
C GLU A 239 12.75 -5.70 0.70
N TYR A 240 12.81 -6.39 -0.45
CA TYR A 240 12.56 -7.82 -0.46
C TYR A 240 13.85 -8.59 -0.74
N THR A 241 13.96 -9.76 -0.15
CA THR A 241 15.18 -10.56 -0.22
C THR A 241 15.05 -11.73 -1.19
N THR A 242 13.82 -12.07 -1.56
CA THR A 242 13.61 -13.16 -2.50
C THR A 242 13.91 -12.69 -3.93
N ASN A 243 14.02 -13.65 -4.86
CA ASN A 243 14.45 -13.36 -6.22
C ASN A 243 13.41 -13.70 -7.29
N THR A 244 12.21 -14.04 -6.84
CA THR A 244 11.14 -14.38 -7.77
C THR A 244 9.89 -13.55 -7.52
N CYS A 245 8.99 -13.56 -8.49
CA CYS A 245 7.66 -12.99 -8.30
C CYS A 245 6.72 -13.74 -9.21
N GLU A 246 5.43 -13.40 -9.15
CA GLU A 246 4.44 -14.11 -9.96
C GLU A 246 4.25 -13.41 -11.31
N PHE A 247 3.62 -12.24 -11.28
CA PHE A 247 3.37 -11.48 -12.50
C PHE A 247 4.22 -10.23 -12.53
N MET A 248 4.67 -9.88 -13.73
CA MET A 248 5.47 -8.68 -13.92
C MET A 248 4.89 -7.85 -15.06
N GLY A 249 4.70 -6.55 -14.80
CA GLY A 249 4.24 -5.64 -15.83
C GLY A 249 5.37 -4.72 -16.25
N ILE A 250 5.52 -4.51 -17.55
CA ILE A 250 6.58 -3.66 -18.08
C ILE A 250 6.06 -2.72 -19.17
N SER A 251 6.21 -1.42 -18.94
CA SER A 251 5.83 -0.44 -19.94
C SER A 251 6.94 0.61 -20.09
N THR A 252 7.59 0.62 -21.24
CA THR A 252 8.75 1.47 -21.45
C THR A 252 8.61 2.37 -22.67
N THR A 253 9.48 3.37 -22.76
CA THR A 253 9.43 4.35 -23.84
C THR A 253 10.05 3.79 -25.12
N ARG A 254 11.03 2.91 -24.97
CA ARG A 254 11.63 2.22 -26.11
C ARG A 254 11.82 0.74 -25.83
N VAL A 255 12.22 0.00 -26.87
CA VAL A 255 12.52 -1.42 -26.77
C VAL A 255 13.61 -1.67 -25.71
N VAL A 256 13.37 -2.62 -24.83
CA VAL A 256 14.32 -2.94 -23.77
C VAL A 256 14.54 -4.43 -23.61
N ASP A 257 15.71 -4.81 -23.11
CA ASP A 257 15.98 -6.21 -22.76
C ASP A 257 15.22 -6.60 -21.50
N VAL A 258 14.11 -7.29 -21.70
CA VAL A 258 13.25 -7.69 -20.60
C VAL A 258 13.92 -8.69 -19.66
N GLU A 259 14.74 -9.59 -20.21
CA GLU A 259 15.42 -10.59 -19.40
C GLU A 259 16.39 -9.94 -18.41
N ALA A 260 17.00 -8.83 -18.82
CA ALA A 260 17.88 -8.06 -17.93
C ALA A 260 17.08 -7.51 -16.76
N ILE A 261 15.88 -7.01 -17.07
CA ILE A 261 14.95 -6.52 -16.06
C ILE A 261 14.64 -7.63 -15.06
N LYS A 262 14.31 -8.80 -15.58
CA LYS A 262 13.99 -9.96 -14.75
C LYS A 262 15.17 -10.36 -13.85
N SER A 263 16.38 -10.31 -14.38
CA SER A 263 17.56 -10.68 -13.59
C SER A 263 17.81 -9.70 -12.45
N ILE A 264 17.43 -8.45 -12.65
CA ILE A 264 17.66 -7.43 -11.63
C ILE A 264 16.50 -7.36 -10.63
N VAL A 265 15.27 -7.22 -11.14
CA VAL A 265 14.09 -7.04 -10.30
C VAL A 265 13.59 -8.35 -9.71
N GLY A 266 13.66 -9.42 -10.49
CA GLY A 266 13.20 -10.72 -10.02
C GLY A 266 12.49 -11.49 -11.12
N TYR A 267 12.59 -12.81 -11.05
CA TYR A 267 12.07 -13.66 -12.12
C TYR A 267 10.59 -14.00 -11.92
N PRO A 268 9.75 -13.59 -12.89
CA PRO A 268 8.31 -13.86 -12.89
C PRO A 268 7.98 -15.11 -13.67
N ARG A 269 6.77 -15.64 -13.50
CA ARG A 269 6.31 -16.77 -14.28
C ARG A 269 5.34 -16.32 -15.38
N ARG A 270 5.01 -15.04 -15.37
CA ARG A 270 4.19 -14.43 -16.43
C ARG A 270 4.51 -12.95 -16.55
N THR A 271 4.69 -12.47 -17.77
CA THR A 271 5.01 -11.07 -17.99
C THR A 271 4.06 -10.38 -18.96
N PHE A 272 3.66 -9.15 -18.61
CA PHE A 272 2.91 -8.30 -19.52
C PHE A 272 3.82 -7.14 -19.95
N LYS A 273 4.02 -7.01 -21.26
CA LYS A 273 4.91 -6.00 -21.81
C LYS A 273 4.13 -5.01 -22.68
N GLY A 274 4.55 -3.75 -22.65
CA GLY A 274 3.89 -2.72 -23.43
C GLY A 274 4.76 -1.49 -23.55
N TYR A 275 4.25 -0.46 -24.23
CA TYR A 275 5.00 0.77 -24.40
C TYR A 275 4.15 1.99 -24.07
N ASN A 276 4.83 3.06 -23.63
CA ASN A 276 4.19 4.34 -23.39
C ASN A 276 5.16 5.45 -23.76
N SER A 277 4.67 6.68 -23.80
CA SER A 277 5.48 7.78 -24.32
C SER A 277 6.12 8.63 -23.23
N LYS A 278 5.94 8.26 -21.96
CA LYS A 278 6.38 9.15 -20.88
C LYS A 278 7.25 8.49 -19.81
N LYS A 279 6.98 7.23 -19.48
CA LYS A 279 7.66 6.61 -18.34
C LYS A 279 8.23 5.22 -18.64
N ASN A 280 9.25 4.83 -17.89
CA ASN A 280 9.77 3.47 -17.90
C ASN A 280 9.45 2.81 -16.57
N ILE A 281 8.42 1.99 -16.57
CA ILE A 281 7.89 1.47 -15.31
C ILE A 281 7.88 -0.06 -15.28
N VAL A 282 8.26 -0.60 -14.12
CA VAL A 282 8.20 -2.03 -13.88
C VAL A 282 7.37 -2.32 -12.64
N VAL A 283 6.43 -3.26 -12.77
CA VAL A 283 5.64 -3.70 -11.64
C VAL A 283 5.89 -5.17 -11.34
N ALA A 284 6.47 -5.46 -10.17
CA ALA A 284 6.61 -6.83 -9.71
C ALA A 284 5.52 -7.15 -8.70
N THR A 285 4.80 -8.24 -8.94
CA THR A 285 3.71 -8.63 -8.06
C THR A 285 3.87 -10.06 -7.56
N GLY A 286 3.28 -10.35 -6.41
CA GLY A 286 3.33 -11.68 -5.86
C GLY A 286 4.63 -12.00 -5.16
N ILE A 287 5.46 -10.99 -4.92
CA ILE A 287 6.68 -11.16 -4.14
C ILE A 287 6.32 -11.64 -2.75
N GLU A 288 7.10 -12.58 -2.21
CA GLU A 288 6.88 -13.08 -0.87
C GLU A 288 6.94 -11.89 0.10
N PRO A 289 5.95 -11.78 0.99
CA PRO A 289 5.87 -10.69 1.97
C PRO A 289 7.18 -10.48 2.73
N GLN A 290 7.70 -9.26 2.65
CA GLN A 290 9.01 -8.95 3.21
C GLN A 290 9.03 -9.05 4.73
N LYS A 291 8.96 -10.28 5.24
CA LYS A 291 8.96 -10.52 6.67
C LYS A 291 10.33 -10.25 7.30
N THR A 292 11.37 -10.39 6.49
CA THR A 292 12.73 -10.12 6.95
C THR A 292 12.93 -8.64 7.25
N THR A 293 12.42 -7.79 6.36
CA THR A 293 12.48 -6.35 6.57
C THR A 293 11.65 -5.96 7.78
N VAL A 294 10.50 -6.61 7.94
CA VAL A 294 9.62 -6.36 9.08
C VAL A 294 10.26 -6.84 10.38
N GLN A 295 10.95 -7.97 10.32
CA GLN A 295 11.63 -8.55 11.48
C GLN A 295 12.64 -7.59 12.10
N MET A 296 13.22 -6.72 11.27
CA MET A 296 14.20 -5.74 11.74
C MET A 296 13.61 -4.81 12.78
N MET A 297 12.30 -4.60 12.73
CA MET A 297 11.63 -3.76 13.73
C MET A 297 11.74 -4.39 15.11
N ASN A 298 11.65 -5.72 15.15
CA ASN A 298 11.82 -6.45 16.40
C ASN A 298 13.24 -6.28 16.94
N GLU A 299 14.19 -6.05 16.04
CA GLU A 299 15.57 -5.80 16.42
C GLU A 299 15.72 -4.40 16.98
N ILE A 300 14.97 -3.46 16.40
CA ILE A 300 14.93 -2.08 16.90
C ILE A 300 14.28 -2.04 18.28
N ILE A 301 13.18 -2.77 18.41
CA ILE A 301 12.47 -2.84 19.68
C ILE A 301 13.37 -3.40 20.78
N GLU A 302 14.05 -4.50 20.48
CA GLU A 302 14.89 -5.17 21.48
C GLU A 302 16.17 -4.39 21.78
N ASP A 303 16.62 -3.58 20.83
CA ASP A 303 17.81 -2.77 21.04
C ASP A 303 17.48 -1.46 21.75
N LYS A 304 16.30 -0.92 21.48
CA LYS A 304 15.85 0.27 22.19
C LYS A 304 15.39 -0.08 23.61
N MET A 305 14.82 -1.27 23.78
CA MET A 305 14.40 -1.73 25.10
C MET A 305 15.58 -1.89 26.05
N LYS A 306 16.66 -2.45 25.53
CA LYS A 306 17.82 -2.76 26.37
C LYS A 306 18.63 -1.50 26.66
N GLN A 307 18.40 -0.45 25.86
CA GLN A 307 18.94 0.86 26.18
C GLN A 307 18.33 1.42 27.46
N ARG A 308 17.25 0.80 27.93
CA ARG A 308 16.56 1.26 29.13
C ARG A 308 16.72 0.27 30.27
PB GDP B . -2.85 7.35 13.11
O1B GDP B . -2.90 6.17 12.16
O2B GDP B . -3.33 6.92 14.48
O3B GDP B . -3.72 8.48 12.61
O3A GDP B . -1.34 7.86 13.24
PA GDP B . -0.48 8.39 12.00
O1A GDP B . -0.18 9.87 12.12
O2A GDP B . -1.13 8.07 10.68
O5' GDP B . 0.84 7.51 12.21
C5' GDP B . 2.01 8.05 12.79
C4' GDP B . 3.14 7.20 12.26
O4' GDP B . 2.87 6.93 10.88
C3' GDP B . 4.46 7.94 12.34
O3' GDP B . 5.32 7.22 13.22
C2' GDP B . 5.02 7.94 10.93
O2' GDP B . 6.07 6.98 10.84
C1' GDP B . 3.89 7.48 10.03
N9 GDP B . 3.24 8.57 9.25
C8 GDP B . 2.37 9.47 9.75
N7 GDP B . 1.92 10.32 8.79
C5 GDP B . 2.51 9.95 7.63
C6 GDP B . 2.46 10.42 6.23
O6 GDP B . 1.75 11.40 5.91
N1 GDP B . 3.20 9.77 5.32
C2 GDP B . 3.98 8.72 5.65
N2 GDP B . 4.70 8.12 4.67
N3 GDP B . 4.07 8.23 6.91
C4 GDP B . 3.37 8.79 7.93
NA NA C . -4.05 10.89 -14.68
#